data_3SKQ
#
_entry.id   3SKQ
#
_cell.length_a   124.527
_cell.length_b   52.033
_cell.length_c   47.232
_cell.angle_alpha   90.00
_cell.angle_beta   108.65
_cell.angle_gamma   90.00
#
_symmetry.space_group_name_H-M   'C 1 2 1'
#
loop_
_entity.id
_entity.type
_entity.pdbx_description
1 polymer 'Mitochondrial distribution and morphology protein 38'
2 non-polymer 'IODIDE ION'
3 non-polymer 'POTASSIUM ION'
4 water water
#
_entity_poly.entity_id   1
_entity_poly.type   'polypeptide(L)'
_entity_poly.pdbx_seq_one_letter_code
;KLFPNLLPSTYESGKDKQAKRNKLIEIRKKTSEFLHETLEESNLITYNTIENAEKKQKFLNFFRKLYSAKEGKIMTFQHD
EISAIAQMFKNDSVLDNLSRPQLAAMSKFMSLRPFGNDNMLRYQIRSKLKDIMNDDKTIDYEGVESLSQEELYQACVSRG
MKAYGVSKEDLVDNLKVWLELRLRQKIPSVLMVLSSTFTFGGLPKENYSKAFSPLAEKKETKSKYDDLLDLYYDGILQVL
SSIPDPVYN
;
_entity_poly.pdbx_strand_id   A
#
# COMPACT_ATOMS: atom_id res chain seq x y z
N LYS A 23 18.80 9.49 9.82
CA LYS A 23 17.45 9.42 10.36
C LYS A 23 16.57 8.67 9.36
N LEU A 24 15.65 7.86 9.88
CA LEU A 24 14.75 7.11 9.03
C LEU A 24 13.83 8.03 8.25
N ILE A 25 13.39 9.11 8.88
CA ILE A 25 12.50 10.08 8.26
C ILE A 25 13.13 10.64 7.00
N GLU A 26 14.41 10.94 7.11
CA GLU A 26 15.24 11.41 6.00
C GLU A 26 15.25 10.41 4.84
N ILE A 27 15.57 9.18 5.17
CA ILE A 27 15.65 8.11 4.19
C ILE A 27 14.29 7.89 3.52
N ARG A 28 13.21 7.95 4.29
CA ARG A 28 11.87 7.71 3.76
C ARG A 28 11.41 8.78 2.79
N LYS A 29 11.71 10.04 3.09
CA LYS A 29 11.38 11.12 2.16
C LYS A 29 12.08 10.99 0.80
N LYS A 30 13.38 10.69 0.81
CA LYS A 30 14.10 10.60 -0.47
C LYS A 30 13.73 9.36 -1.28
N THR A 31 13.65 8.20 -0.62
CA THR A 31 13.28 6.97 -1.32
C THR A 31 11.82 7.00 -1.81
N SER A 32 10.95 7.69 -1.08
CA SER A 32 9.55 7.79 -1.51
C SER A 32 9.45 8.64 -2.75
N GLU A 33 10.07 9.82 -2.69
CA GLU A 33 10.05 10.74 -3.81
C GLU A 33 10.67 10.10 -5.05
N PHE A 34 11.80 9.42 -4.87
CA PHE A 34 12.39 8.73 -6.00
C PHE A 34 11.47 7.65 -6.55
N LEU A 35 10.94 6.80 -5.69
CA LEU A 35 10.02 5.75 -6.10
C LEU A 35 8.81 6.28 -6.91
N HIS A 36 8.27 7.41 -6.48
CA HIS A 36 7.13 7.98 -7.18
C HIS A 36 7.55 8.38 -8.60
N GLU A 37 8.77 8.88 -8.75
CA GLU A 37 9.26 9.19 -10.10
C GLU A 37 9.31 7.93 -10.94
N THR A 38 9.92 6.88 -10.40
CA THR A 38 10.05 5.65 -11.15
C THR A 38 8.68 5.10 -11.57
N LEU A 39 7.66 5.29 -10.75
CA LEU A 39 6.37 4.68 -11.03
C LEU A 39 5.75 5.14 -12.34
N GLU A 40 5.96 6.41 -12.69
CA GLU A 40 5.32 6.99 -13.87
C GLU A 40 5.57 6.23 -15.16
N GLU A 41 6.70 5.52 -15.23
CA GLU A 41 7.03 4.74 -16.42
C GLU A 41 7.21 3.26 -16.11
N SER A 42 6.63 2.77 -15.01
CA SER A 42 6.78 1.35 -14.67
C SER A 42 5.62 0.51 -15.23
N ASN A 43 5.90 -0.71 -15.63
CA ASN A 43 4.85 -1.69 -15.96
C ASN A 43 4.85 -2.76 -14.88
N LEU A 44 3.91 -2.67 -13.93
CA LEU A 44 3.88 -3.56 -12.76
C LEU A 44 2.98 -4.78 -12.91
N ILE A 45 2.08 -4.72 -13.88
CA ILE A 45 1.13 -5.80 -14.13
C ILE A 45 1.00 -6.00 -15.63
N THR A 46 0.76 -7.23 -16.04
CA THR A 46 0.45 -7.50 -17.43
C THR A 46 -1.05 -7.71 -17.57
N TYR A 47 -1.74 -6.74 -18.15
CA TYR A 47 -3.20 -6.80 -18.28
C TYR A 47 -3.72 -8.08 -18.96
N ASN A 48 -3.06 -8.52 -20.03
CA ASN A 48 -3.51 -9.72 -20.75
C ASN A 48 -3.31 -11.04 -19.98
N THR A 49 -2.53 -11.01 -18.91
CA THR A 49 -2.31 -12.21 -18.08
C THR A 49 -3.20 -12.25 -16.83
N ILE A 50 -4.20 -11.38 -16.77
CA ILE A 50 -5.18 -11.44 -15.70
C ILE A 50 -5.99 -12.73 -15.77
N GLU A 51 -6.21 -13.36 -14.62
CA GLU A 51 -6.74 -14.72 -14.52
C GLU A 51 -7.86 -15.02 -15.51
N ASN A 52 -9.01 -14.40 -15.29
CA ASN A 52 -10.16 -14.70 -16.10
C ASN A 52 -10.83 -13.47 -16.68
N ALA A 53 -11.92 -13.69 -17.41
CA ALA A 53 -12.56 -12.62 -18.15
C ALA A 53 -13.32 -11.65 -17.26
N GLU A 54 -13.91 -12.16 -16.19
CA GLU A 54 -14.66 -11.31 -15.25
C GLU A 54 -13.70 -10.32 -14.56
N LYS A 55 -12.52 -10.81 -14.17
CA LYS A 55 -11.50 -9.97 -13.56
C LYS A 55 -10.98 -8.90 -14.52
N LYS A 56 -10.81 -9.26 -15.79
CA LYS A 56 -10.38 -8.29 -16.79
C LYS A 56 -11.39 -7.14 -16.92
N GLN A 57 -12.69 -7.46 -16.95
CA GLN A 57 -13.70 -6.40 -17.07
C GLN A 57 -13.74 -5.52 -15.82
N LYS A 58 -13.53 -6.11 -14.65
CA LYS A 58 -13.43 -5.33 -13.42
C LYS A 58 -12.25 -4.36 -13.52
N PHE A 59 -11.15 -4.88 -14.07
CA PHE A 59 -9.91 -4.10 -14.25
C PHE A 59 -10.16 -2.93 -15.19
N LEU A 60 -10.84 -3.21 -16.31
CA LEU A 60 -11.17 -2.19 -17.31
C LEU A 60 -12.08 -1.12 -16.71
N ASN A 61 -13.16 -1.56 -16.07
CA ASN A 61 -14.08 -0.66 -15.40
C ASN A 61 -13.40 0.24 -14.37
N PHE A 62 -12.56 -0.38 -13.54
CA PHE A 62 -11.82 0.38 -12.53
C PHE A 62 -10.98 1.49 -13.16
N PHE A 63 -10.16 1.15 -14.15
CA PHE A 63 -9.27 2.16 -14.74
C PHE A 63 -10.00 3.17 -15.62
N ARG A 64 -11.03 2.72 -16.34
CA ARG A 64 -11.90 3.65 -17.07
C ARG A 64 -12.46 4.67 -16.09
N LYS A 65 -12.90 4.18 -14.93
CA LYS A 65 -13.49 5.05 -13.91
C LYS A 65 -12.43 5.97 -13.34
N LEU A 66 -11.28 5.41 -13.00
CA LEU A 66 -10.17 6.19 -12.48
C LEU A 66 -9.84 7.38 -13.38
N TYR A 67 -9.63 7.13 -14.67
CA TYR A 67 -9.19 8.19 -15.57
C TYR A 67 -10.28 9.17 -15.97
N SER A 68 -11.52 8.90 -15.56
CA SER A 68 -12.63 9.79 -15.85
C SER A 68 -12.76 10.88 -14.78
N ALA A 69 -11.99 10.73 -13.71
CA ALA A 69 -12.07 11.69 -12.61
C ALA A 69 -11.39 12.99 -13.03
N LYS A 70 -11.92 14.11 -12.56
CA LYS A 70 -11.37 15.42 -12.88
C LYS A 70 -11.85 16.40 -11.81
N GLU A 71 -11.23 17.58 -11.73
CA GLU A 71 -11.72 18.61 -10.84
C GLU A 71 -13.20 18.87 -11.14
N GLY A 72 -14.02 18.89 -10.09
CA GLY A 72 -15.46 19.03 -10.25
C GLY A 72 -16.10 17.77 -10.82
N LYS A 73 -15.43 16.64 -10.58
CA LYS A 73 -15.87 15.35 -11.10
C LYS A 73 -15.11 14.27 -10.33
N ILE A 74 -15.24 14.32 -9.01
CA ILE A 74 -14.58 13.40 -8.09
C ILE A 74 -15.17 11.99 -8.21
N MET A 75 -14.30 10.99 -8.31
CA MET A 75 -14.76 9.61 -8.37
C MET A 75 -14.60 8.95 -7.00
N THR A 76 -15.64 8.26 -6.56
CA THR A 76 -15.56 7.53 -5.30
C THR A 76 -15.48 6.03 -5.56
N PHE A 77 -14.71 5.33 -4.73
CA PHE A 77 -14.45 3.90 -4.91
C PHE A 77 -14.69 3.20 -3.58
N GLN A 78 -15.43 2.09 -3.62
CA GLN A 78 -15.67 1.32 -2.41
C GLN A 78 -14.39 0.57 -2.03
N HIS A 79 -14.21 0.29 -0.74
CA HIS A 79 -13.09 -0.51 -0.31
C HIS A 79 -13.08 -1.81 -1.07
N ASP A 80 -14.26 -2.41 -1.23
CA ASP A 80 -14.32 -3.74 -1.86
C ASP A 80 -14.04 -3.67 -3.37
N GLU A 81 -14.39 -2.54 -3.97
CA GLU A 81 -14.09 -2.25 -5.36
C GLU A 81 -12.58 -2.14 -5.57
N ILE A 82 -11.90 -1.49 -4.65
CA ILE A 82 -10.45 -1.28 -4.77
C ILE A 82 -9.70 -2.56 -4.48
N SER A 83 -10.17 -3.30 -3.49
CA SER A 83 -9.51 -4.50 -3.04
C SER A 83 -9.43 -5.57 -4.13
N ALA A 84 -10.47 -5.68 -4.93
CA ALA A 84 -10.48 -6.68 -5.99
C ALA A 84 -9.42 -6.37 -7.05
N ILE A 85 -9.20 -5.10 -7.34
CA ILE A 85 -8.17 -4.69 -8.30
C ILE A 85 -6.78 -4.83 -7.65
N ALA A 86 -6.66 -4.35 -6.42
CA ALA A 86 -5.41 -4.42 -5.66
C ALA A 86 -4.86 -5.84 -5.63
N GLN A 87 -5.75 -6.83 -5.46
CA GLN A 87 -5.32 -8.22 -5.37
C GLN A 87 -4.79 -8.78 -6.70
N MET A 88 -4.93 -8.03 -7.79
CA MET A 88 -4.36 -8.47 -9.06
C MET A 88 -2.90 -8.07 -9.19
N PHE A 89 -2.45 -7.17 -8.30
CA PHE A 89 -1.05 -6.77 -8.26
C PHE A 89 -0.28 -7.61 -7.23
N LYS A 90 -0.06 -8.88 -7.56
CA LYS A 90 0.51 -9.86 -6.64
C LYS A 90 2.01 -9.65 -6.41
N ASN A 91 2.49 -9.95 -5.21
CA ASN A 91 3.90 -9.75 -4.86
C ASN A 91 4.89 -10.34 -5.88
N ASP A 92 4.70 -11.59 -6.24
CA ASP A 92 5.62 -12.28 -7.15
C ASP A 92 5.86 -11.44 -8.39
N SER A 93 4.76 -11.09 -9.04
CA SER A 93 4.75 -10.38 -10.29
C SER A 93 5.23 -8.93 -10.12
N VAL A 94 4.85 -8.29 -9.01
CA VAL A 94 5.25 -6.91 -8.82
C VAL A 94 6.74 -6.80 -8.54
N LEU A 95 7.24 -7.68 -7.67
CA LEU A 95 8.66 -7.67 -7.31
C LEU A 95 9.55 -8.00 -8.52
N ASP A 96 9.11 -8.94 -9.35
CA ASP A 96 9.87 -9.29 -10.55
C ASP A 96 9.88 -8.14 -11.54
N ASN A 97 8.88 -7.27 -11.45
CA ASN A 97 8.77 -6.15 -12.38
C ASN A 97 9.50 -4.89 -11.88
N LEU A 98 9.87 -4.87 -10.62
CA LEU A 98 10.63 -3.74 -10.09
C LEU A 98 12.12 -3.86 -10.46
N SER A 99 12.75 -2.74 -10.76
CA SER A 99 14.16 -2.72 -11.13
C SER A 99 15.03 -2.77 -9.88
N ARG A 100 16.35 -2.90 -10.05
CA ARG A 100 17.22 -2.87 -8.87
C ARG A 100 17.13 -1.54 -8.11
N PRO A 101 17.18 -0.40 -8.82
CA PRO A 101 17.05 0.86 -8.09
C PRO A 101 15.72 1.00 -7.32
N GLN A 102 14.62 0.48 -7.87
CA GLN A 102 13.36 0.47 -7.15
C GLN A 102 13.42 -0.45 -5.93
N LEU A 103 13.91 -1.66 -6.11
CA LEU A 103 14.08 -2.57 -4.98
C LEU A 103 14.98 -1.97 -3.90
N ALA A 104 16.06 -1.30 -4.29
CA ALA A 104 16.97 -0.66 -3.32
C ALA A 104 16.24 0.41 -2.53
N ALA A 105 15.53 1.29 -3.23
CA ALA A 105 14.78 2.33 -2.56
C ALA A 105 13.71 1.71 -1.65
N MET A 106 13.04 0.67 -2.13
CA MET A 106 12.01 0.03 -1.33
C MET A 106 12.58 -0.60 -0.07
N SER A 107 13.75 -1.24 -0.19
CA SER A 107 14.42 -1.82 0.95
C SER A 107 14.73 -0.78 2.01
N LYS A 108 15.39 0.30 1.60
CA LYS A 108 15.77 1.36 2.53
C LYS A 108 14.54 1.96 3.18
N PHE A 109 13.47 2.16 2.42
CA PHE A 109 12.23 2.67 2.99
C PHE A 109 11.72 1.76 4.13
N MET A 110 11.92 0.46 3.96
CA MET A 110 11.46 -0.55 4.93
C MET A 110 12.49 -0.73 6.05
N SER A 111 13.44 0.20 6.12
CA SER A 111 14.57 0.16 7.05
C SER A 111 15.43 -1.12 7.00
N LEU A 112 15.57 -1.69 5.81
CA LEU A 112 16.52 -2.79 5.60
C LEU A 112 17.83 -2.24 5.01
N ARG A 113 18.90 -3.03 5.07
CA ARG A 113 20.11 -2.71 4.31
C ARG A 113 20.16 -3.57 3.06
N PRO A 114 19.80 -2.99 1.91
CA PRO A 114 19.89 -3.67 0.63
C PRO A 114 21.36 -3.95 0.27
N PHE A 115 21.62 -5.13 -0.28
CA PHE A 115 22.94 -5.45 -0.83
C PHE A 115 22.82 -6.58 -1.86
N GLY A 116 23.65 -6.52 -2.90
CA GLY A 116 23.70 -7.57 -3.90
C GLY A 116 22.92 -7.25 -5.16
N ASN A 117 22.76 -8.25 -6.02
CA ASN A 117 22.01 -8.07 -7.26
C ASN A 117 20.50 -8.00 -7.03
N ASP A 118 19.73 -7.67 -8.06
CA ASP A 118 18.29 -7.53 -7.89
C ASP A 118 17.62 -8.80 -7.34
N ASN A 119 18.10 -9.97 -7.74
CA ASN A 119 17.58 -11.24 -7.22
C ASN A 119 17.76 -11.34 -5.70
N MET A 120 18.92 -10.89 -5.20
CA MET A 120 19.18 -10.89 -3.76
C MET A 120 18.30 -9.88 -3.05
N LEU A 121 18.12 -8.70 -3.64
CA LEU A 121 17.23 -7.71 -3.06
C LEU A 121 15.79 -8.25 -2.94
N ARG A 122 15.34 -8.95 -3.98
CA ARG A 122 14.01 -9.56 -3.93
C ARG A 122 13.93 -10.57 -2.79
N TYR A 123 15.02 -11.31 -2.56
CA TYR A 123 15.06 -12.32 -1.52
C TYR A 123 14.97 -11.69 -0.13
N GLN A 124 15.74 -10.64 0.11
CA GLN A 124 15.70 -9.92 1.38
C GLN A 124 14.30 -9.34 1.69
N ILE A 125 13.68 -8.77 0.68
CA ILE A 125 12.34 -8.19 0.85
C ILE A 125 11.33 -9.29 1.15
N ARG A 126 11.38 -10.39 0.41
CA ARG A 126 10.48 -11.53 0.62
C ARG A 126 10.71 -12.15 1.98
N SER A 127 11.97 -12.29 2.36
CA SER A 127 12.32 -12.80 3.67
C SER A 127 11.68 -11.93 4.77
N LYS A 128 11.78 -10.61 4.61
CA LYS A 128 11.19 -9.68 5.57
C LYS A 128 9.67 -9.85 5.66
N LEU A 129 9.01 -9.90 4.50
CA LEU A 129 7.57 -10.05 4.46
C LEU A 129 7.09 -11.32 5.15
N LYS A 130 7.94 -12.37 5.12
CA LYS A 130 7.65 -13.61 5.84
C LYS A 130 7.73 -13.39 7.34
N ASP A 131 8.72 -12.62 7.78
CA ASP A 131 8.84 -12.29 9.20
C ASP A 131 7.61 -11.51 9.59
N ILE A 132 7.26 -10.52 8.77
CA ILE A 132 6.12 -9.69 9.05
C ILE A 132 4.86 -10.56 9.13
N MET A 133 4.74 -11.53 8.21
CA MET A 133 3.60 -12.45 8.24
C MET A 133 3.52 -13.20 9.57
N ASN A 134 4.65 -13.76 10.02
CA ASN A 134 4.67 -14.52 11.27
C ASN A 134 4.31 -13.61 12.43
N ASP A 135 4.82 -12.38 12.37
CA ASP A 135 4.55 -11.40 13.41
C ASP A 135 3.09 -10.95 13.44
N ASP A 136 2.50 -10.75 12.27
CA ASP A 136 1.11 -10.32 12.16
C ASP A 136 0.17 -11.31 12.84
N LYS A 137 0.37 -12.60 12.59
CA LYS A 137 -0.44 -13.65 13.21
C LYS A 137 -0.40 -13.52 14.72
N THR A 138 0.81 -13.40 15.26
CA THR A 138 1.01 -13.28 16.70
C THR A 138 0.28 -12.09 17.28
N ILE A 139 0.47 -10.94 16.65
CA ILE A 139 -0.10 -9.69 17.13
C ILE A 139 -1.62 -9.78 17.10
N ASP A 140 -2.15 -10.29 15.99
CA ASP A 140 -3.59 -10.35 15.80
C ASP A 140 -4.26 -11.29 16.81
N TYR A 141 -3.58 -12.37 17.15
CA TYR A 141 -4.12 -13.32 18.12
C TYR A 141 -4.08 -12.75 19.53
N GLU A 142 -2.98 -12.11 19.87
CA GLU A 142 -2.81 -11.53 21.20
C GLU A 142 -3.57 -10.21 21.38
N GLY A 143 -3.84 -9.53 20.27
CA GLY A 143 -4.46 -8.22 20.26
C GLY A 143 -3.42 -7.11 20.20
N VAL A 144 -3.65 -6.12 19.33
CA VAL A 144 -2.76 -4.96 19.26
C VAL A 144 -2.67 -4.28 20.62
N GLU A 145 -3.72 -4.41 21.43
CA GLU A 145 -3.76 -3.75 22.73
C GLU A 145 -2.78 -4.35 23.73
N SER A 146 -2.23 -5.52 23.39
CA SER A 146 -1.31 -6.23 24.28
C SER A 146 0.13 -5.74 24.11
N LEU A 147 0.36 -4.97 23.04
CA LEU A 147 1.68 -4.46 22.70
C LEU A 147 2.06 -3.21 23.49
N SER A 148 3.34 -3.11 23.83
CA SER A 148 3.88 -1.94 24.49
C SER A 148 4.02 -0.79 23.50
N GLN A 149 4.18 0.42 24.02
CA GLN A 149 4.43 1.59 23.18
C GLN A 149 5.61 1.33 22.23
N GLU A 150 6.67 0.74 22.77
CA GLU A 150 7.90 0.48 22.03
C GLU A 150 7.71 -0.59 20.96
N GLU A 151 6.89 -1.60 21.26
CA GLU A 151 6.63 -2.64 20.29
C GLU A 151 5.72 -2.12 19.18
N LEU A 152 4.80 -1.21 19.53
CA LEU A 152 3.93 -0.60 18.52
C LEU A 152 4.78 0.19 17.54
N TYR A 153 5.60 1.10 18.06
CA TYR A 153 6.50 1.92 17.23
C TYR A 153 7.26 1.07 16.22
N GLN A 154 7.94 0.04 16.72
CA GLN A 154 8.72 -0.88 15.89
C GLN A 154 7.85 -1.65 14.88
N ALA A 155 6.72 -2.17 15.35
CA ALA A 155 5.80 -2.87 14.46
C ALA A 155 5.44 -1.97 13.27
N CYS A 156 5.14 -0.69 13.53
CA CYS A 156 4.75 0.23 12.46
C CYS A 156 5.91 0.57 11.52
N VAL A 157 7.10 0.84 12.07
CA VAL A 157 8.25 1.12 11.23
C VAL A 157 8.45 -0.02 10.23
N SER A 158 8.49 -1.25 10.74
CA SER A 158 8.76 -2.43 9.92
C SER A 158 7.76 -2.62 8.78
N ARG A 159 6.56 -2.08 8.94
CA ARG A 159 5.52 -2.27 7.95
C ARG A 159 5.35 -1.08 6.98
N GLY A 160 6.27 -0.13 7.05
CA GLY A 160 6.25 1.00 6.14
C GLY A 160 5.38 2.15 6.63
N MET A 161 4.97 2.10 7.89
CA MET A 161 4.08 3.12 8.42
C MET A 161 4.86 4.15 9.23
N LYS A 162 4.38 5.39 9.26
CA LYS A 162 5.13 6.48 9.88
C LYS A 162 5.61 6.15 11.31
N ALA A 163 4.76 6.32 12.31
CA ALA A 163 5.14 6.02 13.69
C ALA A 163 5.90 7.14 14.40
N TYR A 164 6.79 7.80 13.69
CA TYR A 164 7.56 8.87 14.29
C TYR A 164 6.66 10.02 14.72
N GLY A 165 6.72 10.36 16.01
CA GLY A 165 5.96 11.48 16.55
C GLY A 165 4.49 11.18 16.75
N VAL A 166 4.11 9.92 16.51
CA VAL A 166 2.71 9.48 16.52
C VAL A 166 2.25 9.00 17.89
N SER A 167 1.03 9.35 18.26
CA SER A 167 0.50 8.95 19.58
C SER A 167 0.31 7.44 19.66
N LYS A 168 0.38 6.89 20.86
CA LYS A 168 0.22 5.45 21.06
C LYS A 168 -1.10 4.97 20.45
N GLU A 169 -2.20 5.65 20.78
CA GLU A 169 -3.51 5.30 20.23
C GLU A 169 -3.51 5.25 18.70
N ASP A 170 -2.85 6.21 18.07
CA ASP A 170 -2.80 6.27 16.62
C ASP A 170 -1.97 5.13 16.05
N LEU A 171 -0.93 4.75 16.77
CA LEU A 171 -0.10 3.62 16.40
C LEU A 171 -0.95 2.35 16.38
N VAL A 172 -1.73 2.18 17.44
CA VAL A 172 -2.65 1.06 17.54
C VAL A 172 -3.58 1.02 16.33
N ASP A 173 -4.24 2.15 16.04
CA ASP A 173 -5.17 2.20 14.90
C ASP A 173 -4.46 1.94 13.58
N ASN A 174 -3.24 2.48 13.42
CA ASN A 174 -2.48 2.21 12.20
C ASN A 174 -2.20 0.72 12.06
N LEU A 175 -1.85 0.09 13.18
CA LEU A 175 -1.51 -1.33 13.16
C LEU A 175 -2.76 -2.17 12.92
N LYS A 176 -3.89 -1.73 13.47
CA LYS A 176 -5.16 -2.42 13.21
C LYS A 176 -5.52 -2.35 11.72
N VAL A 177 -5.37 -1.17 11.12
CA VAL A 177 -5.58 -1.02 9.68
C VAL A 177 -4.70 -1.97 8.86
N TRP A 178 -3.42 -2.01 9.16
CA TRP A 178 -2.52 -2.94 8.48
C TRP A 178 -3.03 -4.38 8.58
N LEU A 179 -3.40 -4.79 9.80
CA LEU A 179 -3.81 -6.18 10.03
C LEU A 179 -5.12 -6.53 9.33
N GLU A 180 -6.11 -5.64 9.38
CA GLU A 180 -7.34 -5.85 8.60
C GLU A 180 -7.03 -6.06 7.10
N LEU A 181 -6.28 -5.14 6.51
CA LEU A 181 -6.01 -5.21 5.09
C LEU A 181 -5.20 -6.46 4.72
N ARG A 182 -4.27 -6.87 5.58
CA ARG A 182 -3.40 -8.03 5.27
C ARG A 182 -4.07 -9.37 5.58
N LEU A 183 -4.55 -9.51 6.80
CA LEU A 183 -5.09 -10.79 7.29
C LEU A 183 -6.48 -11.10 6.79
N ARG A 184 -7.31 -10.07 6.69
CA ARG A 184 -8.69 -10.26 6.27
C ARG A 184 -9.02 -9.85 4.81
N GLN A 185 -8.46 -8.73 4.33
CA GLN A 185 -8.74 -8.28 2.97
C GLN A 185 -7.74 -8.82 1.95
N LYS A 186 -6.60 -9.35 2.43
CA LYS A 186 -5.59 -9.96 1.56
C LYS A 186 -5.00 -9.01 0.50
N ILE A 187 -4.91 -7.73 0.81
CA ILE A 187 -4.24 -6.78 -0.10
C ILE A 187 -2.74 -7.14 -0.16
N PRO A 188 -2.19 -7.33 -1.37
CA PRO A 188 -0.79 -7.73 -1.56
C PRO A 188 0.13 -6.81 -0.77
N SER A 189 1.08 -7.39 -0.04
CA SER A 189 1.91 -6.61 0.88
C SER A 189 2.90 -5.65 0.19
N VAL A 190 3.46 -6.05 -0.94
CA VAL A 190 4.35 -5.14 -1.67
C VAL A 190 3.61 -3.90 -2.11
N LEU A 191 2.45 -4.08 -2.75
CA LEU A 191 1.60 -2.95 -3.09
C LEU A 191 1.28 -2.11 -1.86
N MET A 192 1.03 -2.77 -0.72
CA MET A 192 0.80 -2.02 0.51
C MET A 192 1.96 -1.13 0.88
N VAL A 193 3.16 -1.71 0.91
CA VAL A 193 4.33 -0.91 1.24
C VAL A 193 4.49 0.25 0.28
N LEU A 194 4.34 -0.01 -1.01
CA LEU A 194 4.48 1.06 -2.01
C LEU A 194 3.43 2.15 -1.80
N SER A 195 2.24 1.76 -1.36
CA SER A 195 1.18 2.76 -1.17
C SER A 195 1.50 3.64 0.03
N SER A 196 2.15 3.09 1.05
CA SER A 196 2.52 3.90 2.20
C SER A 196 3.65 4.90 1.95
N THR A 197 4.45 4.72 0.88
CA THR A 197 5.43 5.76 0.54
C THR A 197 4.73 7.07 0.22
N PHE A 198 3.46 7.00 -0.16
CA PHE A 198 2.70 8.20 -0.46
C PHE A 198 2.30 9.03 0.75
N THR A 199 2.77 8.66 1.94
CA THR A 199 2.61 9.52 3.10
C THR A 199 3.92 10.27 3.41
N PHE A 200 4.94 10.04 2.60
CA PHE A 200 6.28 10.57 2.84
C PHE A 200 6.81 11.48 1.73
N GLY A 201 6.02 11.76 0.70
CA GLY A 201 6.46 12.64 -0.38
C GLY A 201 6.84 14.03 0.12
N GLY A 202 6.64 15.04 -0.72
CA GLY A 202 6.07 14.87 -2.04
C GLY A 202 4.56 14.79 -2.01
N LEU A 203 3.90 15.93 -1.98
CA LEU A 203 2.44 15.96 -2.00
C LEU A 203 1.93 15.22 -3.23
N PRO A 204 1.07 14.21 -3.01
CA PRO A 204 0.59 13.35 -4.09
C PRO A 204 -0.11 14.12 -5.21
N LYS A 205 0.15 13.73 -6.45
CA LYS A 205 -0.53 14.27 -7.62
C LYS A 205 -2.01 13.97 -7.53
N GLU A 206 -2.83 15.02 -7.47
CA GLU A 206 -4.28 14.87 -7.34
C GLU A 206 -4.83 13.89 -8.36
N ASN A 207 -5.57 12.89 -7.89
CA ASN A 207 -6.28 11.98 -8.79
C ASN A 207 -7.79 12.19 -8.74
N TYR A 208 -8.22 13.16 -7.93
CA TYR A 208 -9.63 13.47 -7.79
C TYR A 208 -10.42 12.18 -7.57
N SER A 209 -9.85 11.27 -6.79
CA SER A 209 -10.53 10.01 -6.44
C SER A 209 -10.43 9.73 -4.95
N LYS A 210 -11.37 8.97 -4.42
CA LYS A 210 -11.50 8.80 -2.99
C LYS A 210 -12.12 7.46 -2.63
N ALA A 211 -11.54 6.79 -1.64
CA ALA A 211 -12.06 5.52 -1.14
C ALA A 211 -13.08 5.71 -0.01
N PHE A 212 -14.05 4.81 0.07
CA PHE A 212 -15.04 4.84 1.13
C PHE A 212 -15.66 3.48 1.37
N SER A 213 -16.20 3.30 2.58
CA SER A 213 -16.97 2.12 2.91
C SER A 213 -18.42 2.53 3.14
N PRO A 214 -19.36 2.01 2.31
CA PRO A 214 -20.79 2.28 2.47
C PRO A 214 -21.25 2.10 3.91
N LEU A 215 -20.97 0.94 4.47
CA LEU A 215 -21.32 0.66 5.85
C LEU A 215 -20.84 1.78 6.78
N ALA A 216 -19.54 2.13 6.70
CA ALA A 216 -19.00 3.15 7.59
C ALA A 216 -19.64 4.51 7.39
N GLU A 217 -20.04 4.79 6.16
CA GLU A 217 -20.66 6.08 5.87
C GLU A 217 -22.07 6.20 6.46
N LYS A 218 -22.61 5.11 7.00
CA LYS A 218 -23.92 5.15 7.66
C LYS A 218 -23.81 5.19 9.20
N LYS A 219 -22.60 5.09 9.72
CA LYS A 219 -22.38 5.19 11.16
C LYS A 219 -22.63 6.62 11.66
N GLU A 220 -23.21 6.75 12.85
CA GLU A 220 -23.38 8.04 13.49
C GLU A 220 -22.01 8.69 13.73
N THR A 221 -21.01 7.87 14.03
CA THR A 221 -19.62 8.33 14.15
C THR A 221 -18.61 7.32 13.58
N LYS A 222 -17.86 7.71 12.56
CA LYS A 222 -16.78 6.86 12.08
C LYS A 222 -15.63 6.90 13.08
N SER A 223 -15.02 5.75 13.33
CA SER A 223 -13.87 5.68 14.22
C SER A 223 -12.62 6.23 13.51
N LYS A 224 -11.57 6.50 14.28
CA LYS A 224 -10.30 6.90 13.71
C LYS A 224 -9.77 5.75 12.86
N TYR A 225 -10.05 4.53 13.30
CA TYR A 225 -9.77 3.35 12.50
C TYR A 225 -10.43 3.42 11.11
N ASP A 226 -11.73 3.72 11.08
CA ASP A 226 -12.45 3.85 9.81
C ASP A 226 -11.81 4.93 8.95
N ASP A 227 -11.47 6.06 9.55
CA ASP A 227 -10.85 7.15 8.81
C ASP A 227 -9.48 6.72 8.26
N LEU A 228 -8.70 6.05 9.10
CA LEU A 228 -7.38 5.57 8.70
C LEU A 228 -7.49 4.50 7.63
N LEU A 229 -8.57 3.73 7.67
CA LEU A 229 -8.79 2.73 6.63
C LEU A 229 -9.01 3.41 5.27
N ASP A 230 -9.81 4.48 5.24
CA ASP A 230 -10.04 5.21 3.99
C ASP A 230 -8.72 5.77 3.46
N LEU A 231 -7.96 6.44 4.32
CA LEU A 231 -6.67 7.00 3.92
C LEU A 231 -5.73 5.94 3.35
N TYR A 232 -5.78 4.72 3.88
CA TYR A 232 -4.93 3.67 3.36
C TYR A 232 -5.33 3.27 1.95
N TYR A 233 -6.63 3.06 1.75
CA TYR A 233 -7.11 2.74 0.41
C TYR A 233 -6.80 3.89 -0.56
N ASP A 234 -6.84 5.12 -0.07
CA ASP A 234 -6.49 6.29 -0.88
C ASP A 234 -5.05 6.25 -1.36
N GLY A 235 -4.16 5.75 -0.50
CA GLY A 235 -2.77 5.59 -0.88
C GLY A 235 -2.63 4.51 -1.94
N ILE A 236 -3.47 3.48 -1.82
CA ILE A 236 -3.52 2.44 -2.84
C ILE A 236 -4.00 2.99 -4.19
N LEU A 237 -5.09 3.77 -4.19
CA LEU A 237 -5.54 4.45 -5.40
C LEU A 237 -4.39 5.31 -5.96
N GLN A 238 -3.60 5.91 -5.08
CA GLN A 238 -2.54 6.81 -5.49
C GLN A 238 -1.49 6.02 -6.28
N VAL A 239 -1.12 4.83 -5.82
CA VAL A 239 -0.23 3.98 -6.58
C VAL A 239 -0.87 3.62 -7.92
N LEU A 240 -2.15 3.29 -7.90
CA LEU A 240 -2.81 2.87 -9.12
C LEU A 240 -2.94 4.01 -10.13
N SER A 241 -3.00 5.24 -9.64
CA SER A 241 -3.02 6.38 -10.55
C SER A 241 -1.61 6.84 -10.97
N SER A 242 -0.58 6.25 -10.37
CA SER A 242 0.78 6.69 -10.66
C SER A 242 1.36 6.09 -11.93
N ILE A 243 1.05 4.83 -12.17
CA ILE A 243 1.58 4.07 -13.30
C ILE A 243 0.93 4.46 -14.64
N PRO A 244 1.59 4.11 -15.76
CA PRO A 244 0.97 4.32 -17.08
C PRO A 244 -0.30 3.49 -17.18
N ASP A 245 -1.24 3.93 -18.01
CA ASP A 245 -2.48 3.19 -18.22
C ASP A 245 -2.14 1.72 -18.44
N PRO A 246 -2.52 0.84 -17.51
CA PRO A 246 -2.15 -0.57 -17.67
C PRO A 246 -2.80 -1.25 -18.87
N VAL A 247 -3.91 -0.69 -19.36
CA VAL A 247 -4.64 -1.28 -20.48
C VAL A 247 -3.97 -0.99 -21.82
N TYR A 248 -3.12 0.04 -21.84
CA TYR A 248 -2.36 0.41 -23.03
C TYR A 248 -0.97 -0.23 -23.04
N ASN A 249 -0.27 -0.12 -21.92
CA ASN A 249 1.09 -0.63 -21.78
C ASN A 249 1.11 -2.11 -21.37
#